data_2QXG
#
_entry.id   2QXG
#
_cell.length_a   66.603
_cell.length_b   42.708
_cell.length_c   84.882
_cell.angle_alpha   90.00
_cell.angle_beta   108.53
_cell.angle_gamma   90.00
#
_symmetry.space_group_name_H-M   'P 1 21 1'
#
loop_
_entity.id
_entity.type
_entity.pdbx_description
1 polymer Kallikrein-7
2 non-polymer L-alanyl-N-[(1S,2R)-1-benzyl-2-hydroxypropyl]-L-alaninamide
3 water water
#
_entity_poly.entity_id   1
_entity_poly.type   'polypeptide(L)'
_entity_poly.pdbx_seq_one_letter_code
;IIDGAPCARGSHPWQVALLSGNQLHCGGVLVNERWVLTAAHCKMNEYTVHLGSDTLGDRRAQRIKASKSFRHPGYSTQTH
VNDLMLVKLNSQARLSSMVKKVRLPSRCEPPGTTCTVSGWGTTTSPDVTFPSDLMCVDVKLISPQDCTKVYKDLLENSML
CAGIPDSKKNACNGDSGGPLVCRGTLQGLVSWGTFPCGQPNDPGVYTQVCKFTKWINDTMKKHR
;
_entity_poly.pdbx_strand_id   A,B
#
loop_
_chem_comp.id
_chem_comp.type
_chem_comp.name
_chem_comp.formula
K7I non-polymer L-alanyl-N-[(1S,2R)-1-benzyl-2-hydroxypropyl]-L-alaninamide 'C16 H25 N3 O3'
#
# COMPACT_ATOMS: atom_id res chain seq x y z
N ILE A 1 3.56 -7.77 -27.61
CA ILE A 1 2.62 -6.61 -27.63
C ILE A 1 1.94 -6.56 -28.98
N ILE A 2 0.62 -6.38 -28.97
CA ILE A 2 -0.14 -6.34 -30.23
C ILE A 2 -0.70 -4.95 -30.53
N ASP A 3 -0.45 -4.49 -31.75
CA ASP A 3 -0.91 -3.19 -32.21
C ASP A 3 -0.23 -2.08 -31.42
N GLY A 4 1.08 -2.23 -31.24
CA GLY A 4 1.85 -1.25 -30.51
C GLY A 4 2.93 -0.64 -31.38
N ALA A 5 4.05 -0.29 -30.76
CA ALA A 5 5.18 0.31 -31.46
C ALA A 5 6.40 0.27 -30.56
N PRO A 6 7.60 0.42 -31.14
CA PRO A 6 8.86 0.40 -30.37
C PRO A 6 8.89 1.52 -29.33
N CYS A 7 9.25 1.18 -28.09
CA CYS A 7 9.31 2.19 -27.04
C CYS A 7 10.49 3.13 -27.29
N ALA A 8 10.37 4.36 -26.82
CA ALA A 8 11.44 5.33 -26.97
C ALA A 8 12.61 4.84 -26.13
N ARG A 9 13.76 4.67 -26.77
CA ARG A 9 14.95 4.18 -26.08
C ARG A 9 15.19 4.88 -24.73
N GLY A 10 15.66 4.09 -23.77
CA GLY A 10 15.96 4.63 -22.45
C GLY A 10 14.81 5.05 -21.55
N SER A 11 13.57 4.89 -22.00
CA SER A 11 12.43 5.29 -21.18
C SER A 11 11.98 4.22 -20.19
N HIS A 12 12.49 3.00 -20.36
CA HIS A 12 12.12 1.91 -19.47
C HIS A 12 13.33 1.26 -18.80
N PRO A 13 14.11 2.05 -18.03
CA PRO A 13 15.29 1.51 -17.35
C PRO A 13 15.00 0.48 -16.27
N TRP A 14 13.74 0.33 -15.86
CA TRP A 14 13.38 -0.64 -14.83
C TRP A 14 12.74 -1.91 -15.40
N GLN A 15 12.71 -2.02 -16.73
CA GLN A 15 12.14 -3.18 -17.41
C GLN A 15 13.22 -4.24 -17.66
N VAL A 16 12.91 -5.49 -17.35
CA VAL A 16 13.87 -6.58 -17.57
C VAL A 16 13.27 -7.70 -18.40
N ALA A 17 14.09 -8.70 -18.66
CA ALA A 17 13.67 -9.85 -19.45
C ALA A 17 14.23 -11.14 -18.88
N LEU A 18 13.38 -12.14 -18.77
CA LEU A 18 13.80 -13.44 -18.26
C LEU A 18 14.03 -14.32 -19.47
N LEU A 19 15.22 -14.91 -19.55
CA LEU A 19 15.56 -15.75 -20.69
C LEU A 19 16.00 -17.12 -20.24
N SER A 20 15.81 -18.09 -21.13
CA SER A 20 16.23 -19.45 -20.88
C SER A 20 17.38 -19.60 -21.86
N GLY A 21 18.58 -19.26 -21.40
CA GLY A 21 19.74 -19.32 -22.27
C GLY A 21 19.78 -18.03 -23.05
N ASN A 22 19.13 -18.01 -24.21
CA ASN A 22 19.10 -16.83 -25.07
C ASN A 22 17.75 -16.64 -25.73
N GLN A 23 16.74 -17.37 -25.24
CA GLN A 23 15.40 -17.27 -25.80
C GLN A 23 14.44 -16.64 -24.79
N LEU A 24 13.78 -15.56 -25.19
CA LEU A 24 12.84 -14.84 -24.34
C LEU A 24 11.79 -15.75 -23.72
N HIS A 25 11.59 -15.61 -22.41
CA HIS A 25 10.59 -16.42 -21.70
C HIS A 25 9.49 -15.53 -21.14
N CYS A 26 9.87 -14.45 -20.48
CA CYS A 26 8.91 -13.51 -19.89
C CYS A 26 9.57 -12.15 -19.71
N GLY A 27 8.88 -11.28 -18.98
CA GLY A 27 9.40 -9.94 -18.70
C GLY A 27 9.35 -9.72 -17.20
N GLY A 28 9.66 -8.49 -16.78
CA GLY A 28 9.64 -8.18 -15.35
C GLY A 28 10.13 -6.77 -15.09
N VAL A 29 10.23 -6.41 -13.81
CA VAL A 29 10.71 -5.09 -13.43
C VAL A 29 11.72 -5.21 -12.29
N LEU A 30 12.63 -4.25 -12.21
CA LEU A 30 13.64 -4.25 -11.17
C LEU A 30 13.16 -3.48 -9.93
N VAL A 31 13.00 -4.18 -8.83
CA VAL A 31 12.56 -3.57 -7.58
C VAL A 31 13.74 -2.76 -7.02
N ASN A 32 14.90 -3.41 -6.92
CA ASN A 32 16.11 -2.77 -6.43
C ASN A 32 17.33 -3.55 -6.92
N GLU A 33 18.50 -3.20 -6.41
CA GLU A 33 19.75 -3.83 -6.81
C GLU A 33 19.75 -5.36 -6.87
N ARG A 34 19.05 -6.03 -5.96
CA ARG A 34 19.05 -7.49 -5.98
C ARG A 34 17.67 -8.14 -6.04
N TRP A 35 16.69 -7.43 -6.57
CA TRP A 35 15.35 -8.00 -6.66
C TRP A 35 14.56 -7.66 -7.92
N VAL A 36 14.02 -8.70 -8.54
CA VAL A 36 13.22 -8.59 -9.75
C VAL A 36 11.79 -9.03 -9.43
N LEU A 37 10.81 -8.32 -9.97
CA LEU A 37 9.42 -8.68 -9.76
C LEU A 37 8.90 -9.18 -11.11
N THR A 38 8.00 -10.17 -11.09
CA THR A 38 7.46 -10.71 -12.32
C THR A 38 6.27 -11.64 -12.04
N ALA A 39 5.82 -12.37 -13.06
CA ALA A 39 4.68 -13.27 -12.91
C ALA A 39 5.05 -14.62 -12.31
N ALA A 40 4.14 -15.17 -11.51
CA ALA A 40 4.37 -16.45 -10.87
C ALA A 40 4.27 -17.60 -11.86
N HIS A 41 3.52 -17.42 -12.96
CA HIS A 41 3.41 -18.51 -13.93
C HIS A 41 4.63 -18.54 -14.85
N CYS A 42 5.60 -17.67 -14.57
CA CYS A 42 6.84 -17.59 -15.35
C CYS A 42 7.96 -18.30 -14.59
N LYS A 43 7.60 -19.07 -13.58
CA LYS A 43 8.55 -19.80 -12.76
C LYS A 43 9.50 -20.71 -13.55
N MET A 44 10.77 -20.70 -13.19
CA MET A 44 11.79 -21.53 -13.84
C MET A 44 12.81 -21.97 -12.80
N ASN A 45 13.54 -23.04 -13.11
CA ASN A 45 14.56 -23.56 -12.20
C ASN A 45 15.72 -22.58 -12.13
N GLU A 46 16.01 -21.91 -13.25
CA GLU A 46 17.12 -20.97 -13.33
C GLU A 46 16.82 -19.91 -14.39
N TYR A 47 17.15 -18.65 -14.10
CA TYR A 47 16.90 -17.58 -15.07
C TYR A 47 18.17 -16.82 -15.46
N THR A 48 18.12 -16.23 -16.66
CA THR A 48 19.20 -15.40 -17.18
C THR A 48 18.52 -14.06 -17.43
N VAL A 49 18.67 -13.14 -16.48
CA VAL A 49 18.03 -11.83 -16.57
C VAL A 49 18.77 -10.81 -17.43
N HIS A 50 18.00 -10.14 -18.30
CA HIS A 50 18.53 -9.11 -19.21
C HIS A 50 18.14 -7.74 -18.67
N LEU A 51 19.13 -6.87 -18.48
CA LEU A 51 18.86 -5.53 -17.96
C LEU A 51 19.68 -4.48 -18.69
N GLY A 52 19.17 -3.25 -18.71
CA GLY A 52 19.89 -2.14 -19.34
C GLY A 52 19.88 -2.01 -20.84
N SER A 53 18.75 -2.34 -21.49
CA SER A 53 18.67 -2.21 -22.94
C SER A 53 17.36 -2.69 -23.53
N ASP A 54 16.83 -1.92 -24.48
CA ASP A 54 15.58 -2.26 -25.16
C ASP A 54 15.81 -3.30 -26.24
N THR A 55 17.07 -3.57 -26.57
CA THR A 55 17.39 -4.55 -27.60
C THR A 55 18.00 -5.81 -27.02
N LEU A 56 17.30 -6.94 -27.19
CA LEU A 56 17.80 -8.21 -26.68
C LEU A 56 19.08 -8.60 -27.41
N GLY A 57 20.12 -8.87 -26.63
CA GLY A 57 21.40 -9.26 -27.22
C GLY A 57 22.38 -8.11 -27.32
N ASP A 58 21.96 -6.94 -26.86
CA ASP A 58 22.81 -5.76 -26.88
C ASP A 58 24.11 -6.06 -26.15
N ARG A 59 25.25 -5.69 -26.75
CA ARG A 59 26.54 -5.94 -26.13
C ARG A 59 26.76 -5.08 -24.88
N ARG A 60 25.91 -4.08 -24.68
CA ARG A 60 26.04 -3.18 -23.54
C ARG A 60 25.11 -3.51 -22.38
N ALA A 61 24.23 -4.49 -22.57
CA ALA A 61 23.29 -4.87 -21.52
C ALA A 61 23.99 -5.71 -20.45
N GLN A 62 23.34 -5.83 -19.31
CA GLN A 62 23.87 -6.63 -18.21
C GLN A 62 23.12 -7.95 -18.22
N ARG A 63 23.86 -9.05 -18.10
CA ARG A 63 23.24 -10.39 -18.07
C ARG A 63 23.56 -10.99 -16.71
N ILE A 64 22.54 -11.13 -15.88
CA ILE A 64 22.69 -11.70 -14.54
C ILE A 64 21.84 -12.95 -14.38
N LYS A 65 22.40 -13.98 -13.74
CA LYS A 65 21.66 -15.21 -13.53
C LYS A 65 21.03 -15.26 -12.14
N ALA A 66 19.86 -15.88 -12.04
CA ALA A 66 19.15 -16.00 -10.79
C ALA A 66 18.68 -17.44 -10.59
N SER A 67 18.86 -17.97 -9.39
CA SER A 67 18.47 -19.34 -9.09
C SER A 67 17.28 -19.41 -8.13
N LYS A 68 17.14 -18.40 -7.29
CA LYS A 68 16.06 -18.37 -6.30
C LYS A 68 14.90 -17.49 -6.74
N SER A 69 13.68 -17.94 -6.42
CA SER A 69 12.47 -17.19 -6.75
C SER A 69 11.41 -17.42 -5.68
N PHE A 70 10.62 -16.39 -5.39
CA PHE A 70 9.58 -16.48 -4.37
C PHE A 70 8.20 -16.06 -4.86
N ARG A 71 7.29 -17.03 -4.86
CA ARG A 71 5.92 -16.82 -5.29
C ARG A 71 5.02 -16.43 -4.13
N HIS A 72 4.01 -15.61 -4.41
CA HIS A 72 3.06 -15.20 -3.38
C HIS A 72 2.45 -16.51 -2.88
N PRO A 73 2.34 -16.69 -1.56
CA PRO A 73 1.75 -17.94 -1.10
C PRO A 73 0.34 -18.24 -1.61
N GLY A 74 -0.46 -17.20 -1.84
CA GLY A 74 -1.82 -17.39 -2.32
C GLY A 74 -2.01 -17.63 -3.81
N TYR A 75 -0.92 -17.77 -4.56
CA TYR A 75 -1.00 -17.99 -6.00
C TYR A 75 -1.64 -19.33 -6.35
N SER A 76 -2.34 -19.38 -7.49
CA SER A 76 -2.98 -20.60 -7.93
C SER A 76 -2.60 -20.98 -9.35
N THR A 77 -2.05 -22.19 -9.51
CA THR A 77 -1.64 -22.69 -10.82
C THR A 77 -2.84 -23.02 -11.71
N GLN A 78 -4.05 -22.83 -11.17
CA GLN A 78 -5.26 -23.14 -11.93
C GLN A 78 -6.04 -21.90 -12.33
N THR A 79 -6.20 -20.98 -11.39
CA THR A 79 -6.93 -19.74 -11.61
C THR A 79 -6.00 -18.57 -11.90
N HIS A 80 -4.74 -18.73 -11.51
CA HIS A 80 -3.73 -17.69 -11.71
C HIS A 80 -4.00 -16.44 -10.88
N VAL A 81 -4.63 -16.61 -9.72
CA VAL A 81 -4.91 -15.49 -8.84
C VAL A 81 -3.64 -15.22 -8.03
N ASN A 82 -3.40 -13.97 -7.65
CA ASN A 82 -2.19 -13.62 -6.90
C ASN A 82 -0.97 -14.03 -7.70
N ASP A 83 -1.01 -13.76 -9.00
CA ASP A 83 0.08 -14.14 -9.90
C ASP A 83 1.27 -13.19 -9.92
N LEU A 84 2.09 -13.24 -8.87
CA LEU A 84 3.27 -12.39 -8.78
C LEU A 84 4.38 -13.23 -8.15
N MET A 85 5.63 -12.87 -8.44
CA MET A 85 6.76 -13.62 -7.91
C MET A 85 8.01 -12.76 -7.82
N LEU A 86 8.81 -12.99 -6.79
CA LEU A 86 10.04 -12.24 -6.59
C LEU A 86 11.25 -13.09 -6.97
N VAL A 87 12.15 -12.52 -7.76
CA VAL A 87 13.34 -13.22 -8.20
C VAL A 87 14.59 -12.55 -7.64
N LYS A 88 15.44 -13.34 -6.99
CA LYS A 88 16.67 -12.84 -6.38
C LYS A 88 17.89 -13.06 -7.28
N LEU A 89 18.52 -11.97 -7.69
CA LEU A 89 19.70 -12.04 -8.54
C LEU A 89 20.89 -12.61 -7.78
N ASN A 90 21.65 -13.50 -8.41
CA ASN A 90 22.82 -14.11 -7.78
C ASN A 90 23.80 -13.02 -7.38
N SER A 91 23.81 -11.94 -8.16
CA SER A 91 24.68 -10.81 -7.90
C SER A 91 23.92 -9.51 -8.13
N GLN A 92 24.27 -8.49 -7.36
CA GLN A 92 23.64 -7.17 -7.44
C GLN A 92 23.71 -6.54 -8.83
N ALA A 93 22.60 -5.95 -9.26
CA ALA A 93 22.55 -5.28 -10.56
C ALA A 93 23.17 -3.90 -10.42
N ARG A 94 24.09 -3.56 -11.31
CA ARG A 94 24.77 -2.26 -11.27
C ARG A 94 23.85 -1.16 -11.80
N LEU A 95 23.34 -0.33 -10.90
CA LEU A 95 22.46 0.77 -11.31
C LEU A 95 23.24 1.78 -12.14
N SER A 96 22.60 2.28 -13.20
CA SER A 96 23.23 3.25 -14.09
C SER A 96 22.16 4.13 -14.72
N SER A 97 22.48 4.70 -15.88
CA SER A 97 21.53 5.56 -16.57
C SER A 97 20.47 4.69 -17.23
N MET A 98 20.86 3.50 -17.69
CA MET A 98 19.93 2.57 -18.33
C MET A 98 19.32 1.55 -17.37
N VAL A 99 19.77 1.55 -16.12
CA VAL A 99 19.24 0.60 -15.13
C VAL A 99 18.81 1.31 -13.84
N LYS A 100 17.50 1.38 -13.61
CA LYS A 100 16.98 2.04 -12.41
C LYS A 100 15.87 1.22 -11.76
N LYS A 101 15.45 1.65 -10.58
CA LYS A 101 14.39 0.95 -9.84
C LYS A 101 13.02 1.51 -10.22
N VAL A 102 12.02 0.64 -10.23
CA VAL A 102 10.67 1.06 -10.58
C VAL A 102 10.04 1.77 -9.39
N ARG A 103 9.12 2.68 -9.67
CA ARG A 103 8.43 3.41 -8.62
C ARG A 103 7.14 2.68 -8.27
N LEU A 104 7.17 1.98 -7.14
CA LEU A 104 6.01 1.22 -6.67
C LEU A 104 4.87 2.15 -6.28
N PRO A 105 3.62 1.67 -6.38
CA PRO A 105 2.46 2.49 -6.04
C PRO A 105 2.30 2.70 -4.54
N SER A 106 1.54 3.74 -4.18
CA SER A 106 1.27 4.04 -2.79
C SER A 106 -0.24 4.23 -2.73
N ARG A 107 -0.87 4.10 -3.90
CA ARG A 107 -2.32 4.24 -4.06
C ARG A 107 -2.80 3.47 -5.30
N CYS A 108 -4.08 3.12 -5.33
CA CYS A 108 -4.64 2.40 -6.47
C CYS A 108 -5.32 3.41 -7.40
N GLU A 109 -4.98 3.37 -8.69
CA GLU A 109 -5.59 4.30 -9.63
C GLU A 109 -6.95 3.77 -10.08
N PRO A 110 -7.95 4.68 -10.20
CA PRO A 110 -9.31 4.37 -10.60
C PRO A 110 -9.48 4.09 -12.10
N PRO A 111 -10.70 3.69 -12.51
CA PRO A 111 -10.98 3.39 -13.92
C PRO A 111 -10.82 4.66 -14.74
N GLY A 112 -10.48 4.51 -16.02
CA GLY A 112 -10.31 5.65 -16.88
C GLY A 112 -8.87 6.09 -17.03
N THR A 113 -8.07 5.90 -15.98
CA THR A 113 -6.67 6.28 -16.00
C THR A 113 -5.91 5.62 -17.14
N THR A 114 -5.24 6.43 -17.95
CA THR A 114 -4.46 5.92 -19.08
C THR A 114 -3.17 5.29 -18.59
N CYS A 115 -2.75 4.21 -19.23
CA CYS A 115 -1.53 3.51 -18.85
C CYS A 115 -0.73 3.08 -20.07
N THR A 116 0.41 2.46 -19.81
CA THR A 116 1.28 1.97 -20.87
C THR A 116 1.88 0.65 -20.40
N VAL A 117 1.90 -0.33 -21.29
CA VAL A 117 2.46 -1.65 -20.99
C VAL A 117 3.48 -1.99 -22.06
N SER A 118 4.57 -2.63 -21.66
CA SER A 118 5.64 -2.96 -22.59
C SER A 118 6.16 -4.39 -22.49
N GLY A 119 6.83 -4.85 -23.55
CA GLY A 119 7.36 -6.19 -23.57
C GLY A 119 7.97 -6.61 -24.90
N TRP A 120 8.60 -7.78 -24.89
CA TRP A 120 9.22 -8.35 -26.09
C TRP A 120 8.40 -9.54 -26.55
N GLY A 121 7.15 -9.58 -26.12
CA GLY A 121 6.28 -10.68 -26.51
C GLY A 121 6.03 -10.68 -27.99
N THR A 122 5.38 -11.73 -28.49
CA THR A 122 5.07 -11.82 -29.90
C THR A 122 4.19 -10.64 -30.29
N THR A 123 4.40 -10.11 -31.49
CA THR A 123 3.60 -8.98 -31.95
C THR A 123 2.48 -9.45 -32.86
N THR A 124 2.33 -10.76 -32.98
CA THR A 124 1.27 -11.34 -33.80
C THR A 124 0.61 -12.50 -33.07
N SER A 125 -0.49 -12.99 -33.62
CA SER A 125 -1.22 -14.10 -33.02
C SER A 125 -2.42 -14.47 -33.89
N PRO A 126 -2.70 -15.78 -34.04
CA PRO A 126 -2.00 -16.93 -33.46
C PRO A 126 -0.57 -17.12 -33.97
N ASP A 127 -0.24 -16.45 -35.07
CA ASP A 127 1.10 -16.56 -35.66
C ASP A 127 2.11 -15.96 -34.70
N VAL A 128 3.34 -16.46 -34.74
CA VAL A 128 4.37 -15.98 -33.83
C VAL A 128 5.45 -15.13 -34.50
N THR A 129 5.81 -14.04 -33.83
CA THR A 129 6.83 -13.12 -34.30
C THR A 129 7.38 -12.36 -33.09
N PHE A 130 8.60 -12.70 -32.70
CA PHE A 130 9.26 -12.07 -31.56
C PHE A 130 10.19 -10.94 -31.99
N PRO A 131 9.96 -9.73 -31.49
CA PRO A 131 10.81 -8.58 -31.84
C PRO A 131 12.10 -8.55 -31.02
N SER A 132 13.07 -7.79 -31.51
CA SER A 132 14.35 -7.66 -30.82
C SER A 132 14.33 -6.40 -29.95
N ASP A 133 13.46 -5.47 -30.29
CA ASP A 133 13.33 -4.21 -29.55
C ASP A 133 12.03 -4.16 -28.75
N LEU A 134 12.09 -3.58 -27.55
CA LEU A 134 10.93 -3.46 -26.67
C LEU A 134 9.77 -2.71 -27.31
N MET A 135 8.57 -3.26 -27.17
CA MET A 135 7.38 -2.63 -27.74
C MET A 135 6.51 -1.97 -26.66
N CYS A 136 5.79 -0.93 -27.05
CA CYS A 136 4.92 -0.17 -26.16
C CYS A 136 3.52 -0.03 -26.74
N VAL A 137 2.54 0.27 -25.88
CA VAL A 137 1.15 0.46 -26.31
C VAL A 137 0.31 1.03 -25.16
N ASP A 138 -0.58 1.96 -25.48
CA ASP A 138 -1.42 2.59 -24.46
C ASP A 138 -2.80 1.97 -24.29
N VAL A 139 -3.18 1.78 -23.04
CA VAL A 139 -4.48 1.21 -22.68
C VAL A 139 -5.02 1.93 -21.45
N LYS A 140 -6.32 1.78 -21.20
CA LYS A 140 -6.97 2.41 -20.05
C LYS A 140 -7.49 1.37 -19.07
N LEU A 141 -7.40 1.66 -17.78
CA LEU A 141 -7.89 0.73 -16.77
C LEU A 141 -9.40 0.61 -16.85
N ILE A 142 -9.89 -0.62 -16.71
CA ILE A 142 -11.32 -0.89 -16.76
C ILE A 142 -11.85 -1.29 -15.39
N SER A 143 -13.02 -0.76 -15.05
CA SER A 143 -13.66 -1.03 -13.76
C SER A 143 -14.00 -2.50 -13.55
N PRO A 144 -13.77 -3.00 -12.33
CA PRO A 144 -14.07 -4.39 -11.99
C PRO A 144 -15.49 -4.78 -12.41
N GLN A 145 -16.40 -3.80 -12.36
CA GLN A 145 -17.79 -4.04 -12.73
C GLN A 145 -17.97 -4.27 -14.23
N ASP A 146 -17.11 -3.65 -15.04
CA ASP A 146 -17.20 -3.81 -16.49
C ASP A 146 -16.46 -5.06 -16.94
N CYS A 147 -15.30 -5.28 -16.34
CA CYS A 147 -14.49 -6.44 -16.70
C CYS A 147 -15.20 -7.75 -16.38
N THR A 148 -16.00 -7.76 -15.32
CA THR A 148 -16.72 -8.96 -14.93
C THR A 148 -17.73 -9.38 -15.99
N LYS A 149 -18.27 -8.40 -16.72
CA LYS A 149 -19.24 -8.69 -17.77
C LYS A 149 -18.59 -9.56 -18.85
N VAL A 150 -17.26 -9.57 -18.86
CA VAL A 150 -16.51 -10.33 -19.85
C VAL A 150 -15.93 -11.64 -19.36
N TYR A 151 -15.36 -11.63 -18.16
CA TYR A 151 -14.74 -12.83 -17.61
C TYR A 151 -15.52 -13.51 -16.49
N LYS A 152 -16.45 -12.80 -15.89
CA LYS A 152 -17.27 -13.37 -14.82
C LYS A 152 -16.41 -13.96 -13.71
N ASP A 153 -16.68 -15.22 -13.37
CA ASP A 153 -15.97 -15.93 -12.31
C ASP A 153 -14.45 -15.86 -12.38
N LEU A 154 -13.91 -15.76 -13.60
CA LEU A 154 -12.46 -15.71 -13.79
C LEU A 154 -11.80 -14.43 -13.27
N LEU A 155 -12.42 -13.76 -12.30
CA LEU A 155 -11.86 -12.52 -11.77
C LEU A 155 -11.92 -12.37 -10.25
N GLU A 156 -10.76 -12.09 -9.65
CA GLU A 156 -10.68 -11.88 -8.22
C GLU A 156 -10.26 -10.44 -7.93
N ASN A 157 -10.62 -9.95 -6.75
CA ASN A 157 -10.32 -8.58 -6.35
C ASN A 157 -8.88 -8.12 -6.53
N SER A 158 -7.94 -9.04 -6.70
CA SER A 158 -6.55 -8.65 -6.89
C SER A 158 -6.16 -8.48 -8.35
N MET A 159 -7.12 -8.72 -9.24
CA MET A 159 -6.86 -8.58 -10.67
C MET A 159 -7.37 -7.23 -11.18
N LEU A 160 -6.60 -6.64 -12.08
CA LEU A 160 -6.90 -5.35 -12.68
C LEU A 160 -7.05 -5.55 -14.19
N CYS A 161 -7.93 -4.79 -14.82
CA CYS A 161 -8.13 -4.91 -16.27
C CYS A 161 -7.81 -3.61 -16.98
N ALA A 162 -7.35 -3.73 -18.22
CA ALA A 162 -7.00 -2.56 -19.02
C ALA A 162 -7.19 -2.87 -20.50
N GLY A 163 -7.23 -1.82 -21.32
CA GLY A 163 -7.40 -1.99 -22.75
C GLY A 163 -8.20 -0.85 -23.35
N ILE A 164 -8.48 -0.95 -24.65
CA ILE A 164 -9.25 0.07 -25.35
C ILE A 164 -10.40 -0.59 -26.08
N PRO A 165 -11.60 0.01 -26.00
CA PRO A 165 -12.81 -0.52 -26.66
C PRO A 165 -12.64 -0.75 -28.16
N ASP A 166 -13.13 -1.89 -28.63
CA ASP A 166 -13.04 -2.25 -30.04
C ASP A 166 -11.63 -2.08 -30.61
N SER A 167 -10.62 -2.42 -29.81
CA SER A 167 -9.23 -2.29 -30.23
C SER A 167 -8.42 -3.55 -29.93
N LYS A 168 -7.41 -3.81 -30.75
CA LYS A 168 -6.58 -4.99 -30.56
C LYS A 168 -5.39 -4.73 -29.65
N LYS A 169 -5.20 -3.47 -29.24
CA LYS A 169 -4.09 -3.14 -28.35
C LYS A 169 -4.11 -4.02 -27.11
N ASN A 170 -3.06 -4.81 -26.93
CA ASN A 170 -3.00 -5.70 -25.78
C ASN A 170 -1.64 -6.39 -25.64
N ALA A 171 -1.55 -7.30 -24.67
CA ALA A 171 -0.33 -8.05 -24.41
C ALA A 171 -0.48 -9.46 -24.98
N CYS A 172 0.61 -10.21 -25.00
CA CYS A 172 0.55 -11.57 -25.53
C CYS A 172 1.70 -12.45 -25.04
N ASN A 173 1.85 -13.58 -25.72
CA ASN A 173 2.87 -14.57 -25.42
C ASN A 173 4.26 -13.96 -25.25
N GLY A 174 4.80 -14.06 -24.04
CA GLY A 174 6.12 -13.51 -23.77
C GLY A 174 6.14 -12.18 -23.04
N ASP A 175 4.96 -11.62 -22.75
CA ASP A 175 4.88 -10.34 -22.04
C ASP A 175 4.61 -10.44 -20.54
N SER A 176 4.30 -11.65 -20.05
CA SER A 176 4.02 -11.84 -18.63
C SER A 176 5.14 -11.28 -17.77
N GLY A 177 4.79 -10.59 -16.69
CA GLY A 177 5.79 -10.02 -15.81
C GLY A 177 6.13 -8.60 -16.20
N GLY A 178 5.67 -8.20 -17.38
CA GLY A 178 5.91 -6.84 -17.85
C GLY A 178 5.13 -5.85 -17.01
N PRO A 179 5.58 -4.58 -16.95
CA PRO A 179 4.93 -3.52 -16.18
C PRO A 179 3.85 -2.69 -16.89
N LEU A 180 2.78 -2.38 -16.16
CA LEU A 180 1.68 -1.55 -16.64
C LEU A 180 1.79 -0.33 -15.73
N VAL A 181 2.34 0.76 -16.26
CA VAL A 181 2.51 1.97 -15.46
C VAL A 181 1.46 3.02 -15.79
N CYS A 182 0.90 3.63 -14.75
CA CYS A 182 -0.09 4.68 -14.93
C CYS A 182 0.24 5.79 -13.95
N ARG A 183 0.22 7.04 -14.42
CA ARG A 183 0.51 8.18 -13.57
C ARG A 183 1.79 8.03 -12.75
N GLY A 184 2.85 7.52 -13.38
CA GLY A 184 4.12 7.38 -12.70
C GLY A 184 4.49 6.11 -11.95
N THR A 185 3.54 5.49 -11.26
CA THR A 185 3.84 4.27 -10.50
C THR A 185 3.32 2.98 -11.10
N LEU A 186 4.04 1.90 -10.86
CA LEU A 186 3.67 0.58 -11.34
C LEU A 186 2.27 0.24 -10.82
N GLN A 187 1.34 -0.06 -11.72
CA GLN A 187 -0.01 -0.42 -11.31
C GLN A 187 -0.30 -1.90 -11.50
N GLY A 188 0.46 -2.55 -12.39
CA GLY A 188 0.23 -3.96 -12.62
C GLY A 188 1.31 -4.70 -13.42
N LEU A 189 1.16 -6.02 -13.50
CA LEU A 189 2.08 -6.89 -14.22
C LEU A 189 1.23 -7.77 -15.13
N VAL A 190 1.61 -7.89 -16.39
CA VAL A 190 0.84 -8.72 -17.32
C VAL A 190 0.59 -10.11 -16.74
N SER A 191 -0.63 -10.62 -16.92
CA SER A 191 -0.94 -11.95 -16.40
C SER A 191 -1.62 -12.87 -17.41
N TRP A 192 -2.83 -12.51 -17.85
CA TRP A 192 -3.54 -13.34 -18.81
C TRP A 192 -4.65 -12.65 -19.60
N GLY A 193 -5.07 -13.32 -20.67
CA GLY A 193 -6.12 -12.81 -21.53
C GLY A 193 -6.64 -13.94 -22.38
N THR A 194 -7.23 -13.63 -23.52
CA THR A 194 -7.75 -14.66 -24.40
C THR A 194 -6.79 -14.93 -25.56
N PHE A 195 -6.94 -16.08 -26.19
CA PHE A 195 -6.08 -16.48 -27.32
C PHE A 195 -6.97 -16.96 -28.45
N PRO A 196 -6.72 -16.51 -29.68
CA PRO A 196 -5.68 -15.58 -30.13
C PRO A 196 -5.68 -14.24 -29.39
N CYS A 197 -4.51 -13.64 -29.27
CA CYS A 197 -4.37 -12.36 -28.58
C CYS A 197 -4.94 -11.20 -29.37
N GLY A 198 -5.26 -10.11 -28.68
CA GLY A 198 -5.78 -8.94 -29.34
C GLY A 198 -7.23 -8.98 -29.77
N GLN A 199 -8.00 -9.90 -29.20
CA GLN A 199 -9.42 -9.99 -29.55
C GLN A 199 -10.14 -8.74 -29.05
N PRO A 200 -10.85 -8.05 -29.95
CA PRO A 200 -11.59 -6.83 -29.61
C PRO A 200 -12.55 -7.02 -28.43
N ASN A 201 -12.51 -6.07 -27.51
CA ASN A 201 -13.36 -6.07 -26.31
C ASN A 201 -12.98 -7.12 -25.27
N ASP A 202 -11.87 -7.81 -25.48
CA ASP A 202 -11.38 -8.80 -24.52
C ASP A 202 -10.21 -8.16 -23.79
N PRO A 203 -10.47 -7.53 -22.64
CA PRO A 203 -9.45 -6.86 -21.81
C PRO A 203 -8.27 -7.74 -21.40
N GLY A 204 -7.15 -7.08 -21.10
CA GLY A 204 -5.97 -7.80 -20.66
C GLY A 204 -6.02 -7.76 -19.14
N VAL A 205 -5.83 -8.90 -18.49
CA VAL A 205 -5.87 -8.97 -17.04
C VAL A 205 -4.49 -8.90 -16.38
N TYR A 206 -4.32 -7.95 -15.47
CA TYR A 206 -3.04 -7.75 -14.79
C TYR A 206 -3.11 -7.98 -13.28
N THR A 207 -1.94 -8.11 -12.67
CA THR A 207 -1.84 -8.28 -11.22
C THR A 207 -1.83 -6.86 -10.65
N GLN A 208 -2.88 -6.50 -9.92
CA GLN A 208 -2.98 -5.16 -9.35
C GLN A 208 -1.95 -5.02 -8.23
N VAL A 209 -0.88 -4.29 -8.52
CA VAL A 209 0.22 -4.10 -7.58
C VAL A 209 -0.03 -3.26 -6.32
N CYS A 210 -1.01 -2.36 -6.37
CA CYS A 210 -1.30 -1.51 -5.22
C CYS A 210 -1.79 -2.31 -4.01
N LYS A 211 -1.74 -3.64 -4.10
CA LYS A 211 -2.21 -4.46 -3.00
C LYS A 211 -1.20 -5.52 -2.57
N PHE A 212 0.00 -5.46 -3.15
CA PHE A 212 1.06 -6.39 -2.83
C PHE A 212 2.36 -5.70 -2.47
N THR A 213 2.32 -4.38 -2.24
CA THR A 213 3.55 -3.66 -1.89
C THR A 213 4.04 -4.04 -0.49
N LYS A 214 3.11 -4.46 0.36
CA LYS A 214 3.46 -4.88 1.72
C LYS A 214 4.08 -6.27 1.69
N TRP A 215 3.61 -7.09 0.76
CA TRP A 215 4.13 -8.44 0.61
C TRP A 215 5.49 -8.39 -0.07
N ILE A 216 5.65 -7.45 -0.99
CA ILE A 216 6.90 -7.26 -1.72
C ILE A 216 7.98 -6.76 -0.78
N ASN A 217 7.57 -5.88 0.13
CA ASN A 217 8.48 -5.29 1.11
C ASN A 217 8.90 -6.29 2.17
N ASP A 218 7.94 -7.06 2.70
CA ASP A 218 8.25 -8.05 3.72
C ASP A 218 9.08 -9.21 3.16
N THR A 219 8.74 -9.66 1.96
CA THR A 219 9.45 -10.77 1.34
C THR A 219 10.93 -10.45 1.13
N MET A 220 11.22 -9.27 0.60
CA MET A 220 12.59 -8.86 0.36
C MET A 220 13.39 -8.86 1.65
N LYS A 221 12.81 -8.27 2.69
CA LYS A 221 13.48 -8.21 3.98
C LYS A 221 13.71 -9.62 4.51
N LYS A 222 12.65 -10.43 4.53
CA LYS A 222 12.74 -11.80 5.02
C LYS A 222 13.90 -12.58 4.40
N HIS A 223 14.12 -12.41 3.10
CA HIS A 223 15.20 -13.10 2.42
C HIS A 223 16.35 -12.18 2.05
N ARG A 224 16.39 -11.02 2.68
CA ARG A 224 17.48 -10.09 2.39
C ARG A 224 18.77 -10.66 2.97
N ILE B 1 -12.79 9.35 24.18
CA ILE B 1 -13.80 8.52 23.46
C ILE B 1 -15.18 8.81 24.05
N ILE B 2 -16.17 9.03 23.19
CA ILE B 2 -17.51 9.34 23.65
C ILE B 2 -18.52 8.22 23.38
N ASP B 3 -19.24 7.84 24.43
CA ASP B 3 -20.24 6.79 24.34
C ASP B 3 -19.58 5.45 24.05
N GLY B 4 -18.48 5.19 24.77
CA GLY B 4 -17.76 3.95 24.60
C GLY B 4 -17.71 3.16 25.89
N ALA B 5 -16.62 2.43 26.09
CA ALA B 5 -16.44 1.63 27.29
C ALA B 5 -14.98 1.20 27.38
N PRO B 6 -14.53 0.78 28.58
CA PRO B 6 -13.15 0.35 28.80
C PRO B 6 -12.78 -0.84 27.90
N CYS B 7 -11.63 -0.75 27.22
CA CYS B 7 -11.22 -1.84 26.35
C CYS B 7 -10.80 -3.05 27.19
N ALA B 8 -10.95 -4.24 26.62
CA ALA B 8 -10.57 -5.46 27.33
C ALA B 8 -9.06 -5.42 27.49
N ARG B 9 -8.58 -5.52 28.73
CA ARG B 9 -7.15 -5.48 29.01
C ARG B 9 -6.33 -6.35 28.06
N GLY B 10 -5.14 -5.86 27.70
CA GLY B 10 -4.25 -6.60 26.83
C GLY B 10 -4.62 -6.77 25.37
N SER B 11 -5.74 -6.20 24.94
CA SER B 11 -6.15 -6.34 23.54
C SER B 11 -5.52 -5.30 22.62
N HIS B 12 -4.92 -4.25 23.21
CA HIS B 12 -4.29 -3.23 22.40
C HIS B 12 -2.82 -3.03 22.74
N PRO B 13 -2.00 -4.09 22.56
CA PRO B 13 -0.58 -3.99 22.85
C PRO B 13 0.22 -3.04 21.94
N TRP B 14 -0.39 -2.58 20.85
CA TRP B 14 0.30 -1.67 19.93
C TRP B 14 -0.15 -0.21 20.10
N GLN B 15 -0.99 0.05 21.10
CA GLN B 15 -1.49 1.39 21.38
C GLN B 15 -0.59 2.11 22.37
N VAL B 16 -0.23 3.36 22.07
CA VAL B 16 0.63 4.14 22.96
C VAL B 16 -0.01 5.46 23.34
N ALA B 17 0.70 6.21 24.17
CA ALA B 17 0.23 7.52 24.61
C ALA B 17 1.37 8.51 24.67
N LEU B 18 1.12 9.71 24.16
CA LEU B 18 2.12 10.76 24.17
C LEU B 18 1.77 11.66 25.34
N LEU B 19 2.73 11.89 26.21
CA LEU B 19 2.50 12.71 27.40
C LEU B 19 3.50 13.85 27.49
N SER B 20 3.07 14.92 28.14
CA SER B 20 3.93 16.07 28.36
C SER B 20 4.16 15.98 29.86
N GLY B 21 5.22 15.27 30.23
CA GLY B 21 5.51 15.08 31.65
C GLY B 21 4.66 13.91 32.13
N ASN B 22 3.46 14.22 32.61
CA ASN B 22 2.55 13.20 33.10
C ASN B 22 1.10 13.48 32.73
N GLN B 23 0.91 14.41 31.79
CA GLN B 23 -0.43 14.77 31.35
C GLN B 23 -0.66 14.34 29.89
N LEU B 24 -1.70 13.54 29.67
CA LEU B 24 -2.04 13.05 28.35
C LEU B 24 -2.12 14.15 27.29
N HIS B 25 -1.48 13.92 26.16
CA HIS B 25 -1.50 14.89 25.08
C HIS B 25 -2.19 14.32 23.83
N CYS B 26 -1.82 13.10 23.46
CA CYS B 26 -2.39 12.42 22.31
C CYS B 26 -2.20 10.91 22.44
N GLY B 27 -2.48 10.20 21.36
CA GLY B 27 -2.32 8.76 21.33
C GLY B 27 -1.46 8.39 20.14
N GLY B 28 -1.32 7.10 19.87
CA GLY B 28 -0.52 6.65 18.75
C GLY B 28 -0.40 5.14 18.71
N VAL B 29 0.37 4.62 17.76
CA VAL B 29 0.58 3.18 17.64
C VAL B 29 2.05 2.88 17.42
N LEU B 30 2.47 1.70 17.83
CA LEU B 30 3.87 1.29 17.68
C LEU B 30 4.08 0.56 16.37
N VAL B 31 4.88 1.15 15.49
CA VAL B 31 5.19 0.55 14.20
C VAL B 31 6.14 -0.61 14.43
N ASN B 32 7.23 -0.33 15.16
CA ASN B 32 8.22 -1.34 15.50
C ASN B 32 9.00 -0.91 16.74
N GLU B 33 10.06 -1.64 17.05
CA GLU B 33 10.89 -1.34 18.22
C GLU B 33 11.29 0.12 18.43
N ARG B 34 11.57 0.86 17.36
CA ARG B 34 11.97 2.24 17.53
C ARG B 34 11.14 3.27 16.77
N TRP B 35 9.89 2.93 16.47
CA TRP B 35 9.05 3.87 15.74
C TRP B 35 7.59 3.92 16.16
N VAL B 36 7.11 5.13 16.40
CA VAL B 36 5.73 5.38 16.80
C VAL B 36 5.05 6.19 15.70
N LEU B 37 3.79 5.85 15.41
CA LEU B 37 3.03 6.57 14.39
C LEU B 37 1.94 7.34 15.14
N THR B 38 1.60 8.53 14.66
CA THR B 38 0.59 9.35 15.31
C THR B 38 0.18 10.54 14.44
N ALA B 39 -0.57 11.48 15.00
CA ALA B 39 -1.03 12.65 14.26
C ALA B 39 0.01 13.76 14.18
N ALA B 40 0.03 14.44 13.04
CA ALA B 40 0.98 15.54 12.84
C ALA B 40 0.60 16.78 13.66
N HIS B 41 -0.68 16.94 13.99
CA HIS B 41 -1.06 18.11 14.78
C HIS B 41 -0.78 17.89 16.26
N CYS B 42 -0.15 16.75 16.58
CA CYS B 42 0.21 16.40 17.95
C CYS B 42 1.70 16.66 18.17
N LYS B 43 2.31 17.40 17.25
CA LYS B 43 3.73 17.72 17.30
C LYS B 43 4.16 18.42 18.61
N MET B 44 5.29 17.98 19.15
CA MET B 44 5.85 18.56 20.37
C MET B 44 7.37 18.57 20.29
N ASN B 45 8.01 19.41 21.10
CA ASN B 45 9.45 19.50 21.10
C ASN B 45 10.06 18.23 21.69
N GLU B 46 9.35 17.64 22.66
CA GLU B 46 9.82 16.43 23.32
C GLU B 46 8.62 15.62 23.83
N TYR B 47 8.68 14.30 23.70
CA TYR B 47 7.57 13.45 24.16
C TYR B 47 8.00 12.41 25.19
N THR B 48 7.04 11.99 26.00
CA THR B 48 7.24 10.96 27.01
C THR B 48 6.20 9.90 26.62
N VAL B 49 6.64 8.87 25.89
CA VAL B 49 5.75 7.82 25.42
C VAL B 49 5.42 6.73 26.44
N HIS B 50 4.13 6.41 26.54
CA HIS B 50 3.65 5.38 27.45
C HIS B 50 3.30 4.13 26.65
N LEU B 51 3.89 3.00 27.04
CA LEU B 51 3.63 1.74 26.34
C LEU B 51 3.44 0.58 27.30
N GLY B 52 2.72 -0.44 26.86
CA GLY B 52 2.51 -1.62 27.68
C GLY B 52 1.49 -1.58 28.81
N SER B 53 0.38 -0.87 28.62
CA SER B 53 -0.65 -0.82 29.66
C SER B 53 -1.82 0.09 29.33
N ASP B 54 -3.02 -0.39 29.64
CA ASP B 54 -4.24 0.37 29.39
C ASP B 54 -4.47 1.42 30.48
N THR B 55 -3.69 1.34 31.55
CA THR B 55 -3.85 2.30 32.65
C THR B 55 -2.68 3.26 32.74
N LEU B 56 -2.96 4.54 32.53
CA LEU B 56 -1.92 5.56 32.60
C LEU B 56 -1.35 5.64 34.01
N GLY B 57 -0.03 5.52 34.11
CA GLY B 57 0.62 5.57 35.41
C GLY B 57 0.92 4.21 35.99
N ASP B 58 0.58 3.16 35.24
CA ASP B 58 0.83 1.79 35.69
C ASP B 58 2.31 1.63 35.99
N ARG B 59 2.63 1.01 37.13
CA ARG B 59 4.02 0.81 37.51
C ARG B 59 4.73 -0.21 36.62
N ARG B 60 3.96 -0.93 35.80
CA ARG B 60 4.52 -1.95 34.93
C ARG B 60 4.69 -1.50 33.48
N ALA B 61 4.22 -0.29 33.17
CA ALA B 61 4.32 0.23 31.81
C ALA B 61 5.75 0.70 31.52
N GLN B 62 6.06 0.88 30.25
CA GLN B 62 7.36 1.37 29.84
C GLN B 62 7.21 2.85 29.52
N ARG B 63 8.13 3.68 30.00
CA ARG B 63 8.11 5.10 29.74
C ARG B 63 9.37 5.44 28.96
N ILE B 64 9.21 5.79 27.68
CA ILE B 64 10.34 6.13 26.83
C ILE B 64 10.19 7.56 26.29
N LYS B 65 11.29 8.30 26.28
CA LYS B 65 11.26 9.67 25.77
C LYS B 65 11.71 9.74 24.32
N ALA B 66 11.11 10.65 23.57
CA ALA B 66 11.45 10.84 22.16
C ALA B 66 11.65 12.32 21.87
N SER B 67 12.71 12.64 21.12
CA SER B 67 13.02 14.02 20.79
C SER B 67 12.80 14.33 19.31
N LYS B 68 12.94 13.31 18.47
CA LYS B 68 12.78 13.49 17.02
C LYS B 68 11.42 13.04 16.51
N SER B 69 10.88 13.78 15.54
CA SER B 69 9.60 13.46 14.94
C SER B 69 9.58 13.86 13.48
N PHE B 70 8.91 13.08 12.64
CA PHE B 70 8.84 13.36 11.21
C PHE B 70 7.42 13.41 10.66
N ARG B 71 7.06 14.59 10.18
CA ARG B 71 5.74 14.83 9.60
C ARG B 71 5.73 14.60 8.11
N HIS B 72 4.60 14.14 7.60
CA HIS B 72 4.46 13.90 6.17
C HIS B 72 4.71 15.27 5.54
N PRO B 73 5.51 15.33 4.48
CA PRO B 73 5.76 16.65 3.87
C PRO B 73 4.51 17.39 3.40
N GLY B 74 3.50 16.66 2.95
CA GLY B 74 2.28 17.29 2.47
C GLY B 74 1.26 17.73 3.51
N TYR B 75 1.60 17.62 4.79
CA TYR B 75 0.69 18.02 5.86
C TYR B 75 0.40 19.52 5.86
N SER B 76 -0.81 19.88 6.28
CA SER B 76 -1.20 21.29 6.35
C SER B 76 -1.72 21.70 7.72
N THR B 77 -1.08 22.70 8.31
CA THR B 77 -1.48 23.21 9.62
C THR B 77 -2.80 23.96 9.57
N GLN B 78 -3.37 24.08 8.37
CA GLN B 78 -4.64 24.80 8.22
C GLN B 78 -5.81 23.88 7.89
N THR B 79 -5.58 22.95 6.97
CA THR B 79 -6.62 22.01 6.55
C THR B 79 -6.47 20.66 7.23
N HIS B 80 -5.28 20.40 7.76
CA HIS B 80 -4.98 19.15 8.44
C HIS B 80 -5.01 17.95 7.50
N VAL B 81 -4.66 18.17 6.24
CA VAL B 81 -4.63 17.08 5.27
C VAL B 81 -3.28 16.37 5.44
N ASN B 82 -3.24 15.07 5.17
CA ASN B 82 -2.01 14.30 5.32
C ASN B 82 -1.52 14.43 6.77
N ASP B 83 -2.46 14.34 7.70
CA ASP B 83 -2.14 14.48 9.12
C ASP B 83 -1.58 13.22 9.79
N LEU B 84 -0.32 12.92 9.52
CA LEU B 84 0.35 11.77 10.12
C LEU B 84 1.78 12.17 10.43
N MET B 85 2.38 11.51 11.41
CA MET B 85 3.75 11.84 11.81
C MET B 85 4.44 10.64 12.44
N LEU B 86 5.75 10.52 12.19
CA LEU B 86 6.53 9.43 12.75
C LEU B 86 7.40 9.93 13.90
N VAL B 87 7.37 9.21 15.02
CA VAL B 87 8.15 9.58 16.19
C VAL B 87 9.21 8.53 16.48
N LYS B 88 10.45 8.97 16.62
CA LYS B 88 11.56 8.07 16.88
C LYS B 88 11.93 8.02 18.37
N LEU B 89 11.80 6.85 18.97
CA LEU B 89 12.11 6.67 20.38
C LEU B 89 13.63 6.78 20.62
N ASN B 90 14.01 7.48 21.67
CA ASN B 90 15.43 7.65 22.01
C ASN B 90 16.07 6.29 22.23
N SER B 91 15.26 5.34 22.70
CA SER B 91 15.74 3.98 22.93
C SER B 91 14.66 3.00 22.48
N GLN B 92 15.10 1.84 22.02
CA GLN B 92 14.23 0.77 21.54
C GLN B 92 13.21 0.30 22.57
N ALA B 93 11.97 0.10 22.13
CA ALA B 93 10.92 -0.36 23.03
C ALA B 93 11.05 -1.87 23.16
N ARG B 94 11.03 -2.36 24.39
CA ARG B 94 11.16 -3.80 24.66
C ARG B 94 9.85 -4.52 24.36
N LEU B 95 9.82 -5.27 23.25
CA LEU B 95 8.62 -6.01 22.90
C LEU B 95 8.35 -7.11 23.92
N SER B 96 7.08 -7.28 24.27
CA SER B 96 6.67 -8.28 25.24
C SER B 96 5.25 -8.75 24.95
N SER B 97 4.57 -9.25 25.98
CA SER B 97 3.20 -9.72 25.81
C SER B 97 2.28 -8.51 25.72
N MET B 98 2.62 -7.45 26.45
CA MET B 98 1.81 -6.23 26.44
C MET B 98 2.28 -5.18 25.44
N VAL B 99 3.40 -5.45 24.77
CA VAL B 99 3.92 -4.51 23.77
C VAL B 99 4.23 -5.21 22.44
N LYS B 100 3.43 -4.91 21.42
CA LYS B 100 3.63 -5.51 20.10
C LYS B 100 3.49 -4.49 18.99
N LYS B 101 3.82 -4.91 17.77
CA LYS B 101 3.73 -4.02 16.61
C LYS B 101 2.35 -4.11 15.97
N VAL B 102 1.88 -3.00 15.43
CA VAL B 102 0.57 -2.97 14.79
C VAL B 102 0.69 -3.59 13.40
N ARG B 103 -0.42 -4.16 12.93
CA ARG B 103 -0.45 -4.76 11.62
C ARG B 103 -0.93 -3.74 10.60
N LEU B 104 0.00 -3.20 9.83
CA LEU B 104 -0.30 -2.21 8.81
C LEU B 104 -1.14 -2.81 7.69
N PRO B 105 -1.96 -1.98 7.03
CA PRO B 105 -2.80 -2.45 5.93
C PRO B 105 -2.01 -2.78 4.66
N SER B 106 -2.63 -3.58 3.79
CA SER B 106 -2.03 -3.94 2.52
C SER B 106 -3.13 -3.68 1.49
N ARG B 107 -4.28 -3.25 2.01
CA ARG B 107 -5.45 -2.96 1.19
C ARG B 107 -6.36 -1.96 1.92
N CYS B 108 -7.20 -1.24 1.16
CA CYS B 108 -8.13 -0.28 1.73
C CYS B 108 -9.49 -0.94 1.91
N GLU B 109 -10.05 -0.86 3.10
CA GLU B 109 -11.36 -1.46 3.34
C GLU B 109 -12.47 -0.52 2.87
N PRO B 110 -13.51 -1.08 2.23
CA PRO B 110 -14.67 -0.34 1.71
C PRO B 110 -15.65 0.14 2.77
N PRO B 111 -16.66 0.92 2.34
CA PRO B 111 -17.67 1.43 3.26
C PRO B 111 -18.46 0.26 3.87
N GLY B 112 -18.98 0.46 5.07
CA GLY B 112 -19.74 -0.60 5.72
C GLY B 112 -18.94 -1.41 6.70
N THR B 113 -17.64 -1.57 6.43
CA THR B 113 -16.76 -2.34 7.31
C THR B 113 -16.76 -1.80 8.73
N THR B 114 -17.03 -2.68 9.70
CA THR B 114 -17.05 -2.29 11.10
C THR B 114 -15.62 -2.12 11.61
N CYS B 115 -15.43 -1.14 12.49
CA CYS B 115 -14.11 -0.88 13.05
C CYS B 115 -14.20 -0.55 14.53
N THR B 116 -13.04 -0.33 15.14
CA THR B 116 -12.94 0.01 16.54
C THR B 116 -11.84 1.03 16.71
N VAL B 117 -12.11 2.06 17.51
CA VAL B 117 -11.14 3.12 17.77
C VAL B 117 -10.99 3.26 19.27
N SER B 118 -9.77 3.51 19.73
CA SER B 118 -9.50 3.62 21.16
C SER B 118 -8.65 4.82 21.57
N GLY B 119 -8.73 5.18 22.85
CA GLY B 119 -7.96 6.30 23.35
C GLY B 119 -8.26 6.68 24.80
N TRP B 120 -7.46 7.61 25.32
CA TRP B 120 -7.61 8.10 26.69
C TRP B 120 -8.15 9.52 26.65
N GLY B 121 -8.76 9.88 25.51
CA GLY B 121 -9.30 11.21 25.38
C GLY B 121 -10.43 11.44 26.35
N THR B 122 -10.90 12.68 26.42
CA THR B 122 -12.00 13.01 27.31
C THR B 122 -13.22 12.19 26.92
N THR B 123 -13.99 11.75 27.91
CA THR B 123 -15.18 10.96 27.64
C THR B 123 -16.43 11.83 27.66
N THR B 124 -16.23 13.13 27.79
CA THR B 124 -17.34 14.08 27.81
C THR B 124 -17.01 15.30 26.95
N SER B 125 -18.01 16.14 26.72
CA SER B 125 -17.82 17.34 25.91
C SER B 125 -19.12 18.14 25.86
N PRO B 126 -19.05 19.47 25.93
CA PRO B 126 -17.84 20.30 26.07
C PRO B 126 -17.08 20.13 27.38
N ASP B 127 -17.75 19.53 28.36
CA ASP B 127 -17.14 19.30 29.67
C ASP B 127 -15.97 18.33 29.51
N VAL B 128 -14.98 18.46 30.38
CA VAL B 128 -13.81 17.60 30.30
C VAL B 128 -13.70 16.56 31.41
N THR B 129 -13.34 15.34 31.01
CA THR B 129 -13.16 14.23 31.92
C THR B 129 -12.23 13.21 31.28
N PHE B 130 -11.01 13.14 31.80
CA PHE B 130 -10.00 12.22 31.28
C PHE B 130 -9.93 10.93 32.09
N PRO B 131 -10.12 9.78 31.41
CA PRO B 131 -10.08 8.49 32.11
C PRO B 131 -8.65 8.00 32.30
N SER B 132 -8.48 7.05 33.22
CA SER B 132 -7.17 6.48 33.49
C SER B 132 -6.99 5.20 32.68
N ASP B 133 -8.11 4.60 32.29
CA ASP B 133 -8.09 3.35 31.50
C ASP B 133 -8.52 3.59 30.06
N LEU B 134 -7.88 2.89 29.13
CA LEU B 134 -8.17 3.02 27.70
C LEU B 134 -9.63 2.71 27.36
N MET B 135 -10.25 3.56 26.55
CA MET B 135 -11.64 3.37 26.17
C MET B 135 -11.76 2.88 24.72
N CYS B 136 -12.83 2.13 24.45
CA CYS B 136 -13.10 1.58 23.13
C CYS B 136 -14.53 1.90 22.66
N VAL B 137 -14.76 1.81 21.36
CA VAL B 137 -16.07 2.07 20.77
C VAL B 137 -16.11 1.64 19.31
N ASP B 138 -17.21 1.05 18.87
CA ASP B 138 -17.35 0.59 17.50
C ASP B 138 -18.04 1.56 16.55
N VAL B 139 -17.46 1.71 15.37
CA VAL B 139 -17.99 2.59 14.33
C VAL B 139 -17.80 1.93 12.96
N LYS B 140 -18.53 2.41 11.96
CA LYS B 140 -18.45 1.88 10.60
C LYS B 140 -17.89 2.92 9.64
N LEU B 141 -17.09 2.46 8.68
CA LEU B 141 -16.52 3.37 7.69
C LEU B 141 -17.61 3.95 6.81
N ILE B 142 -17.51 5.24 6.51
CA ILE B 142 -18.49 5.91 5.67
C ILE B 142 -17.88 6.29 4.33
N SER B 143 -18.65 6.10 3.26
CA SER B 143 -18.21 6.40 1.91
C SER B 143 -17.90 7.86 1.69
N PRO B 144 -16.81 8.15 0.95
CA PRO B 144 -16.40 9.51 0.65
C PRO B 144 -17.56 10.34 0.11
N GLN B 145 -18.47 9.68 -0.61
CA GLN B 145 -19.63 10.34 -1.19
C GLN B 145 -20.64 10.77 -0.14
N ASP B 146 -20.73 10.02 0.95
CA ASP B 146 -21.67 10.35 2.01
C ASP B 146 -21.07 11.37 2.97
N CYS B 147 -19.78 11.20 3.28
CA CYS B 147 -19.10 12.10 4.19
C CYS B 147 -19.03 13.52 3.63
N THR B 148 -18.92 13.63 2.32
CA THR B 148 -18.84 14.95 1.69
C THR B 148 -20.13 15.75 1.90
N LYS B 149 -21.25 15.06 2.01
CA LYS B 149 -22.53 15.73 2.22
C LYS B 149 -22.51 16.47 3.54
N VAL B 150 -21.56 16.11 4.40
CA VAL B 150 -21.44 16.72 5.71
C VAL B 150 -20.32 17.75 5.84
N TYR B 151 -19.15 17.44 5.30
CA TYR B 151 -18.02 18.36 5.40
C TYR B 151 -17.66 19.10 4.12
N LYS B 152 -18.15 18.63 2.99
CA LYS B 152 -17.89 19.28 1.72
C LYS B 152 -16.38 19.48 1.48
N ASP B 153 -16.00 20.71 1.18
CA ASP B 153 -14.62 21.08 0.91
C ASP B 153 -13.59 20.57 1.93
N LEU B 154 -14.01 20.46 3.19
CA LEU B 154 -13.12 20.01 4.25
C LEU B 154 -12.69 18.54 4.13
N LEU B 155 -12.71 17.98 2.93
CA LEU B 155 -12.33 16.59 2.76
C LEU B 155 -11.44 16.29 1.55
N GLU B 156 -10.31 15.63 1.80
CA GLU B 156 -9.40 15.24 0.73
C GLU B 156 -9.33 13.72 0.62
N ASN B 157 -8.98 13.23 -0.56
CA ASN B 157 -8.91 11.80 -0.82
C ASN B 157 -8.14 10.96 0.19
N SER B 158 -7.31 11.59 1.01
CA SER B 158 -6.54 10.84 2.00
C SER B 158 -7.24 10.73 3.36
N MET B 159 -8.43 11.33 3.45
CA MET B 159 -9.20 11.27 4.69
C MET B 159 -10.27 10.19 4.61
N LEU B 160 -10.47 9.51 5.73
CA LEU B 160 -11.45 8.44 5.86
C LEU B 160 -12.45 8.83 6.93
N CYS B 161 -13.71 8.43 6.77
CA CYS B 161 -14.73 8.76 7.76
C CYS B 161 -15.33 7.51 8.38
N ALA B 162 -15.76 7.62 9.63
CA ALA B 162 -16.36 6.50 10.34
C ALA B 162 -17.35 7.01 11.37
N GLY B 163 -18.21 6.12 11.85
CA GLY B 163 -19.19 6.49 12.85
C GLY B 163 -20.48 5.70 12.69
N ILE B 164 -21.48 6.02 13.51
CA ILE B 164 -22.77 5.34 13.45
C ILE B 164 -23.87 6.38 13.34
N PRO B 165 -24.85 6.15 12.44
CA PRO B 165 -25.97 7.07 12.23
C PRO B 165 -26.73 7.40 13.52
N ASP B 166 -27.06 8.68 13.68
CA ASP B 166 -27.79 9.16 14.85
C ASP B 166 -27.20 8.65 16.16
N SER B 167 -25.87 8.59 16.23
CA SER B 167 -25.18 8.12 17.43
C SER B 167 -24.05 9.05 17.85
N LYS B 168 -23.78 9.09 19.16
CA LYS B 168 -22.71 9.95 19.67
C LYS B 168 -21.36 9.26 19.69
N LYS B 169 -21.33 7.97 19.37
CA LYS B 169 -20.07 7.22 19.36
C LYS B 169 -19.04 7.95 18.50
N ASN B 170 -17.94 8.37 19.11
CA ASN B 170 -16.91 9.07 18.37
C ASN B 170 -15.64 9.33 19.20
N ALA B 171 -14.70 10.05 18.61
CA ALA B 171 -13.45 10.38 19.28
C ALA B 171 -13.50 11.83 19.76
N CYS B 172 -12.53 12.24 20.56
CA CYS B 172 -12.51 13.60 21.07
C CYS B 172 -11.13 14.05 21.51
N ASN B 173 -11.12 15.16 22.25
CA ASN B 173 -9.91 15.78 22.78
C ASN B 173 -8.99 14.77 23.46
N GLY B 174 -7.81 14.58 22.90
CA GLY B 174 -6.86 13.65 23.48
C GLY B 174 -6.77 12.29 22.79
N ASP B 175 -7.58 12.08 21.76
CA ASP B 175 -7.56 10.80 21.04
C ASP B 175 -6.76 10.81 19.73
N SER B 176 -6.33 12.00 19.29
CA SER B 176 -5.56 12.10 18.05
C SER B 176 -4.37 11.15 18.05
N GLY B 177 -4.14 10.49 16.92
CA GLY B 177 -3.02 9.56 16.83
C GLY B 177 -3.44 8.15 17.19
N GLY B 178 -4.65 8.02 17.75
CA GLY B 178 -5.16 6.72 18.13
C GLY B 178 -5.47 5.91 16.88
N PRO B 179 -5.49 4.57 16.99
CA PRO B 179 -5.77 3.65 15.88
C PRO B 179 -7.23 3.26 15.64
N LEU B 180 -7.61 3.20 14.37
CA LEU B 180 -8.95 2.77 13.95
C LEU B 180 -8.64 1.48 13.20
N VAL B 181 -8.90 0.35 13.83
CA VAL B 181 -8.62 -0.94 13.21
C VAL B 181 -9.88 -1.61 12.68
N CYS B 182 -9.80 -2.13 11.46
CA CYS B 182 -10.93 -2.83 10.85
C CYS B 182 -10.39 -4.09 10.20
N ARG B 183 -11.06 -5.21 10.41
CA ARG B 183 -10.64 -6.48 9.83
C ARG B 183 -9.16 -6.81 10.04
N GLY B 184 -8.66 -6.54 11.25
CA GLY B 184 -7.28 -6.86 11.55
C GLY B 184 -6.17 -5.84 11.36
N THR B 185 -6.23 -5.05 10.28
CA THR B 185 -5.18 -4.06 10.03
C THR B 185 -5.56 -2.61 10.29
N LEU B 186 -4.58 -1.82 10.68
CA LEU B 186 -4.76 -0.40 10.95
C LEU B 186 -5.33 0.27 9.70
N GLN B 187 -6.48 0.92 9.83
CA GLN B 187 -7.07 1.60 8.68
C GLN B 187 -6.98 3.12 8.80
N GLY B 188 -6.81 3.61 10.03
CA GLY B 188 -6.71 5.05 10.22
C GLY B 188 -6.24 5.53 11.58
N LEU B 189 -6.01 6.83 11.68
CA LEU B 189 -5.56 7.46 12.93
C LEU B 189 -6.50 8.65 13.16
N VAL B 190 -6.99 8.80 14.39
CA VAL B 190 -7.91 9.91 14.68
C VAL B 190 -7.31 11.24 14.23
N SER B 191 -8.13 12.10 13.65
CA SER B 191 -7.65 13.40 13.19
C SER B 191 -8.51 14.57 13.62
N TRP B 192 -9.76 14.63 13.15
CA TRP B 192 -10.63 15.74 13.51
C TRP B 192 -12.12 15.48 13.35
N GLY B 193 -12.92 16.37 13.96
CA GLY B 193 -14.35 16.27 13.89
C GLY B 193 -14.95 17.60 14.32
N THR B 194 -16.19 17.59 14.78
CA THR B 194 -16.82 18.82 15.23
C THR B 194 -16.79 18.92 16.76
N PHE B 195 -16.97 20.13 17.27
CA PHE B 195 -16.96 20.37 18.71
C PHE B 195 -18.19 21.22 19.06
N PRO B 196 -18.92 20.85 20.11
CA PRO B 196 -18.73 19.71 21.03
C PRO B 196 -18.65 18.37 20.33
N CYS B 197 -17.90 17.44 20.90
CA CYS B 197 -17.74 16.11 20.34
C CYS B 197 -18.99 15.26 20.46
N GLY B 198 -19.09 14.24 19.61
CA GLY B 198 -20.22 13.34 19.66
C GLY B 198 -21.52 13.85 19.06
N GLN B 199 -21.45 14.88 18.23
CA GLN B 199 -22.65 15.41 17.61
C GLN B 199 -23.21 14.39 16.64
N PRO B 200 -24.50 14.03 16.78
CA PRO B 200 -25.15 13.05 15.92
C PRO B 200 -25.04 13.37 14.44
N ASN B 201 -24.70 12.35 13.65
CA ASN B 201 -24.53 12.47 12.21
C ASN B 201 -23.30 13.25 11.76
N ASP B 202 -22.44 13.61 12.71
CA ASP B 202 -21.20 14.30 12.39
C ASP B 202 -20.07 13.27 12.52
N PRO B 203 -19.70 12.63 11.40
CA PRO B 203 -18.65 11.60 11.35
C PRO B 203 -17.29 12.05 11.89
N GLY B 204 -16.49 11.08 12.30
CA GLY B 204 -15.16 11.36 12.79
C GLY B 204 -14.23 11.18 11.60
N VAL B 205 -13.35 12.14 11.34
CA VAL B 205 -12.44 12.05 10.21
C VAL B 205 -11.06 11.52 10.59
N TYR B 206 -10.63 10.46 9.91
CA TYR B 206 -9.34 9.83 10.18
C TYR B 206 -8.35 9.90 9.01
N THR B 207 -7.09 9.62 9.30
CA THR B 207 -6.05 9.60 8.28
C THR B 207 -6.10 8.18 7.71
N GLN B 208 -6.49 8.07 6.43
CA GLN B 208 -6.58 6.75 5.79
C GLN B 208 -5.17 6.20 5.58
N VAL B 209 -4.80 5.23 6.41
CA VAL B 209 -3.47 4.62 6.38
C VAL B 209 -3.09 3.77 5.17
N CYS B 210 -4.08 3.20 4.49
CA CYS B 210 -3.80 2.36 3.33
C CYS B 210 -3.16 3.11 2.18
N LYS B 211 -2.79 4.37 2.41
CA LYS B 211 -2.18 5.18 1.36
C LYS B 211 -0.87 5.84 1.80
N PHE B 212 -0.42 5.50 3.00
CA PHE B 212 0.81 6.05 3.53
C PHE B 212 1.78 4.97 4.02
N THR B 213 1.52 3.71 3.67
CA THR B 213 2.40 2.63 4.11
C THR B 213 3.75 2.70 3.39
N LYS B 214 3.76 3.28 2.21
CA LYS B 214 4.99 3.42 1.42
C LYS B 214 5.81 4.56 2.00
N TRP B 215 5.12 5.58 2.50
CA TRP B 215 5.80 6.74 3.08
C TRP B 215 6.33 6.37 4.46
N ILE B 216 5.57 5.52 5.17
CA ILE B 216 5.94 5.08 6.51
C ILE B 216 7.17 4.18 6.42
N ASN B 217 7.21 3.36 5.38
CA ASN B 217 8.31 2.44 5.15
C ASN B 217 9.58 3.15 4.71
N ASP B 218 9.45 4.09 3.78
CA ASP B 218 10.62 4.83 3.30
C ASP B 218 11.18 5.76 4.37
N THR B 219 10.29 6.42 5.13
CA THR B 219 10.74 7.34 6.16
C THR B 219 11.57 6.62 7.24
N MET B 220 11.08 5.47 7.70
CA MET B 220 11.80 4.73 8.72
C MET B 220 13.19 4.35 8.24
N LYS B 221 13.28 3.84 7.02
CA LYS B 221 14.55 3.44 6.45
C LYS B 221 15.47 4.66 6.35
N LYS B 222 14.96 5.74 5.74
CA LYS B 222 15.73 6.96 5.57
C LYS B 222 16.39 7.44 6.87
N HIS B 223 15.67 7.37 7.97
CA HIS B 223 16.20 7.79 9.27
C HIS B 223 16.52 6.62 10.18
N ARG B 224 16.63 5.42 9.60
CA ARG B 224 16.94 4.26 10.41
C ARG B 224 18.39 4.36 10.86
CAK K7I C . -1.16 -12.70 -22.10
CAI K7I C . -2.24 -12.76 -23.01
CAH K7I C . -2.34 -13.84 -23.92
CAJ K7I C . -1.34 -14.85 -23.95
CAL K7I C . -0.23 -14.78 -23.07
CAR K7I C . -0.15 -13.72 -22.09
CAM K7I C . 0.91 -13.71 -21.01
CAV K7I C . 1.34 -15.10 -20.49
OAG K7I C . 3.66 -14.96 -20.75
NAO K7I C . 0.32 -15.65 -19.61
CAQ K7I C . -0.22 -16.86 -19.82
OAF K7I C . 0.34 -17.72 -20.49
CAU K7I C . -1.69 -17.01 -19.45
CAC K7I C . -1.87 -18.18 -18.48
NAN K7I C . -2.36 -17.24 -20.72
C K7I C . -3.65 -16.98 -20.94
O K7I C . -4.03 -15.94 -21.48
CA K7I C . -4.59 -18.19 -20.88
CB K7I C . -4.15 -19.27 -21.87
N K7I C . -5.97 -17.78 -21.17
CAT K7I C . 2.75 -14.98 -19.84
CAB K7I C . 3.03 -16.17 -18.86
CAK K7I D . -11.28 14.68 17.46
CAI K7I D . -12.62 15.15 17.48
CAH K7I D . -12.95 16.33 18.19
CAJ K7I D . -11.95 17.04 18.90
CAL K7I D . -10.60 16.57 18.89
CAR K7I D . -10.24 15.40 18.14
CAM K7I D . -8.80 14.98 17.94
CAV K7I D . -7.77 16.12 18.03
OAG K7I D . -6.35 15.36 19.74
NAO K7I D . -7.77 16.89 16.78
CAQ K7I D . -7.90 18.23 16.79
OAF K7I D . -7.70 18.90 17.81
CAU K7I D . -8.57 18.85 15.58
CAC K7I D . -7.64 19.84 14.90
NAN K7I D . -9.73 19.51 16.18
C K7I D . -10.95 19.48 15.64
O K7I D . -11.68 18.49 15.76
CA K7I D . -11.57 20.85 15.37
CB K7I D . -12.05 21.46 16.69
N K7I D . -12.68 20.76 14.45
CAT K7I D . -6.38 15.57 18.46
CAB K7I D . -5.21 16.52 18.04
#